data_3FIR
#
_entry.id   3FIR
#
_cell.length_a   49.580
_cell.length_b   101.962
_cell.length_c   56.809
_cell.angle_alpha   90.00
_cell.angle_beta   108.88
_cell.angle_gamma   90.00
#
_symmetry.space_group_name_H-M   'P 1 21 1'
#
loop_
_entity.id
_entity.type
_entity.pdbx_description
1 polymer 'Major antigenic peptide PEB3'
2 branched 2-acetamido-2-deoxy-alpha-L-glucopyranose-(1-3)-2,4-bisacetamido-2,4,6-trideoxy-beta-D-glucopyranose
3 non-polymer 'CITRATE ANION'
4 water water
#
_entity_poly.entity_id   1
_entity_poly.type   'polypeptide(L)'
_entity_poly.pdbx_seq_one_letter_code
;MKKIITLFGACALAFSMANADVNLYGPGGPHTALKDIANKYSEKTGVKVNVNFGPQATWFEKAKKDADILFGASDQSALA
IASDFGKDFNVSKIKPLYFREAIILTQKGNPLKIKGLKDLANKKVRIVVPEGAGESNTSGTGVWEDMIGRTQDIKTIQNF
RNNIVAFVPNSGSARKLFAQDQADAWITWIDWSKSNPDIGTAVAIEKDLVVYRTFNVIAKEGASKETQDFIAYLSSKEAK
EIFKKYGWREH
;
_entity_poly.pdbx_strand_id   A,B
#
# COMPACT_ATOMS: atom_id res chain seq x y z
N ASP A 21 8.04 8.09 -33.06
CA ASP A 21 8.57 8.53 -31.74
C ASP A 21 7.79 7.85 -30.62
N VAL A 22 8.50 7.38 -29.60
CA VAL A 22 7.87 6.71 -28.46
C VAL A 22 7.81 7.67 -27.29
N ASN A 23 6.59 7.96 -26.82
CA ASN A 23 6.39 8.88 -25.71
C ASN A 23 6.04 8.15 -24.42
N LEU A 24 6.90 8.29 -23.42
CA LEU A 24 6.69 7.67 -22.12
C LEU A 24 6.34 8.68 -21.05
N TYR A 25 5.39 8.30 -20.20
CA TYR A 25 4.94 9.13 -19.09
C TYR A 25 4.92 8.28 -17.82
N GLY A 26 5.38 8.86 -16.73
CA GLY A 26 5.39 8.17 -15.43
C GLY A 26 6.08 8.96 -14.32
N PRO A 27 6.17 8.38 -13.12
CA PRO A 27 6.69 9.13 -11.98
C PRO A 27 8.21 9.36 -12.02
N GLY A 28 8.69 10.35 -11.27
CA GLY A 28 10.11 10.53 -11.07
C GLY A 28 10.62 9.34 -10.30
N GLY A 29 11.89 9.00 -10.48
CA GLY A 29 12.48 7.83 -9.82
C GLY A 29 13.09 6.90 -10.85
N PRO A 30 12.23 6.11 -11.53
CA PRO A 30 12.68 5.24 -12.60
C PRO A 30 13.15 6.02 -13.83
N HIS A 31 12.98 7.34 -13.83
CA HIS A 31 13.25 8.15 -15.01
C HIS A 31 14.73 8.26 -15.37
N THR A 32 15.59 8.20 -14.36
CA THR A 32 17.04 8.27 -14.57
C THR A 32 17.56 7.06 -15.31
N ALA A 33 17.12 5.87 -14.90
CA ALA A 33 17.52 4.66 -15.59
C ALA A 33 16.96 4.72 -17.01
N LEU A 34 15.71 5.17 -17.11
CA LEU A 34 14.97 5.21 -18.38
C LEU A 34 15.51 6.20 -19.41
N LYS A 35 15.89 7.40 -18.95
CA LYS A 35 16.54 8.36 -19.83
C LYS A 35 17.84 7.78 -20.37
N ASP A 36 18.59 7.13 -19.50
CA ASP A 36 19.78 6.41 -19.95
C ASP A 36 19.47 5.42 -21.07
N ILE A 37 18.59 4.47 -20.76
CA ILE A 37 18.18 3.43 -21.71
C ILE A 37 17.67 4.03 -23.02
N ALA A 38 16.83 5.06 -22.92
CA ALA A 38 16.27 5.71 -24.09
C ALA A 38 17.35 6.33 -24.98
N ASN A 39 18.34 6.95 -24.34
CA ASN A 39 19.43 7.59 -25.07
C ASN A 39 20.22 6.54 -25.83
N LYS A 40 20.46 5.43 -25.17
CA LYS A 40 21.22 4.33 -25.74
C LYS A 40 20.46 3.61 -26.85
N TYR A 41 19.14 3.51 -26.69
CA TYR A 41 18.27 2.93 -27.71
C TYR A 41 18.24 3.79 -28.96
N SER A 42 18.06 5.09 -28.77
CA SER A 42 18.14 6.06 -29.85
C SER A 42 19.48 5.98 -30.59
N GLU A 43 20.58 5.92 -29.84
CA GLU A 43 21.88 5.81 -30.45
C GLU A 43 21.94 4.64 -31.42
N LYS A 44 21.23 3.56 -31.09
CA LYS A 44 21.37 2.32 -31.85
C LYS A 44 20.41 2.25 -33.04
N THR A 45 19.18 2.70 -32.83
CA THR A 45 18.09 2.39 -33.76
C THR A 45 17.61 3.61 -34.54
N GLY A 46 17.95 4.80 -34.07
CA GLY A 46 17.49 6.01 -34.72
C GLY A 46 16.04 6.31 -34.41
N VAL A 47 15.49 5.61 -33.43
CA VAL A 47 14.14 5.89 -32.96
C VAL A 47 14.19 6.91 -31.81
N LYS A 48 13.34 7.92 -31.89
CA LYS A 48 13.28 8.98 -30.88
C LYS A 48 12.37 8.58 -29.72
N VAL A 49 12.94 8.51 -28.52
CA VAL A 49 12.23 8.08 -27.32
C VAL A 49 12.21 9.24 -26.32
N ASN A 50 11.02 9.71 -25.98
CA ASN A 50 10.85 10.81 -25.03
C ASN A 50 10.39 10.31 -23.66
N VAL A 51 11.16 10.65 -22.62
CA VAL A 51 10.82 10.26 -21.26
C VAL A 51 10.29 11.45 -20.47
N ASN A 52 8.97 11.48 -20.28
CA ASN A 52 8.34 12.51 -19.47
C ASN A 52 8.09 11.95 -18.08
N PHE A 53 8.31 12.77 -17.06
CA PHE A 53 8.30 12.25 -15.70
C PHE A 53 7.92 13.30 -14.66
N GLY A 54 7.43 12.84 -13.52
CA GLY A 54 7.05 13.71 -12.42
C GLY A 54 5.70 13.31 -11.86
N PRO A 55 5.22 14.05 -10.86
CA PRO A 55 3.87 13.85 -10.36
C PRO A 55 2.89 13.79 -11.52
N GLN A 56 1.84 12.99 -11.38
CA GLN A 56 0.88 12.71 -12.46
C GLN A 56 0.19 13.94 -13.03
N ALA A 57 -0.22 14.87 -12.16
CA ALA A 57 -0.89 16.08 -12.60
C ALA A 57 -0.03 16.97 -13.53
N THR A 58 1.28 16.92 -13.37
CA THR A 58 2.14 17.79 -14.18
C THR A 58 2.24 17.38 -15.65
N TRP A 59 1.83 16.15 -15.99
CA TRP A 59 1.92 15.68 -17.37
C TRP A 59 0.68 14.93 -17.84
N PHE A 60 -0.27 14.75 -16.94
CA PHE A 60 -1.51 14.05 -17.27
C PHE A 60 -2.09 14.52 -18.61
N GLU A 61 -2.20 15.84 -18.77
CA GLU A 61 -2.79 16.41 -19.99
C GLU A 61 -2.04 16.07 -21.29
N LYS A 62 -0.72 16.22 -21.30
CA LYS A 62 0.10 15.79 -22.43
C LYS A 62 -0.02 14.29 -22.72
N ALA A 63 -0.10 13.48 -21.68
CA ALA A 63 -0.23 12.03 -21.79
C ALA A 63 -1.55 11.60 -22.44
N LYS A 64 -2.64 12.29 -22.10
CA LYS A 64 -3.95 11.96 -22.64
C LYS A 64 -3.99 12.17 -24.15
N LYS A 65 -3.00 12.90 -24.66
CA LYS A 65 -2.90 13.20 -26.08
C LYS A 65 -1.93 12.30 -26.84
N ASP A 66 -0.87 11.84 -26.20
CA ASP A 66 0.16 11.16 -26.97
C ASP A 66 0.93 10.01 -26.29
N ALA A 67 0.56 9.66 -25.07
CA ALA A 67 1.22 8.57 -24.36
C ALA A 67 1.24 7.32 -25.21
N ASP A 68 2.44 6.75 -25.39
CA ASP A 68 2.61 5.43 -26.00
C ASP A 68 2.81 4.37 -24.91
N ILE A 69 3.33 4.81 -23.78
CA ILE A 69 3.68 3.90 -22.70
C ILE A 69 3.58 4.66 -21.40
N LEU A 70 2.89 4.09 -20.42
CA LEU A 70 2.94 4.58 -19.05
C LEU A 70 3.87 3.68 -18.29
N PHE A 71 4.86 4.24 -17.59
CA PHE A 71 5.71 3.44 -16.71
C PHE A 71 5.37 3.74 -15.26
N GLY A 72 5.67 2.80 -14.37
CA GLY A 72 5.26 2.94 -12.98
C GLY A 72 6.31 2.52 -11.97
N ALA A 73 6.14 2.98 -10.74
CA ALA A 73 7.11 2.71 -9.67
C ALA A 73 6.56 1.82 -8.54
N SER A 74 5.37 1.26 -8.77
CA SER A 74 4.80 0.22 -7.92
C SER A 74 3.61 -0.28 -8.71
N ASP A 75 2.98 -1.37 -8.27
CA ASP A 75 1.82 -1.88 -8.97
C ASP A 75 0.53 -1.10 -8.67
N GLN A 76 0.30 -0.82 -7.38
CA GLN A 76 -0.89 -0.08 -6.99
C GLN A 76 -0.92 1.30 -7.66
N SER A 77 0.23 1.97 -7.72
CA SER A 77 0.25 3.30 -8.29
C SER A 77 0.07 3.28 -9.82
N ALA A 78 0.66 2.28 -10.47
CA ALA A 78 0.55 2.10 -11.91
C ALA A 78 -0.87 1.76 -12.31
N LEU A 79 -1.51 0.91 -11.51
CA LEU A 79 -2.90 0.51 -11.73
C LEU A 79 -3.80 1.73 -11.65
N ALA A 80 -3.60 2.54 -10.62
CA ALA A 80 -4.43 3.72 -10.40
C ALA A 80 -4.25 4.75 -11.51
N ILE A 81 -3.00 4.99 -11.89
CA ILE A 81 -2.69 5.93 -12.96
C ILE A 81 -3.22 5.50 -14.34
N ALA A 82 -3.02 4.23 -14.70
CA ALA A 82 -3.50 3.70 -15.98
C ALA A 82 -5.03 3.67 -16.08
N SER A 83 -5.72 3.55 -14.94
CA SER A 83 -7.18 3.54 -14.89
C SER A 83 -7.77 4.93 -15.12
N ASP A 84 -6.92 5.95 -15.01
CA ASP A 84 -7.30 7.34 -15.26
C ASP A 84 -7.47 7.67 -16.74
N PHE A 85 -6.93 6.79 -17.60
CA PHE A 85 -6.87 7.05 -19.03
C PHE A 85 -8.01 6.43 -19.82
N GLY A 86 -8.97 5.84 -19.12
CA GLY A 86 -10.14 5.24 -19.77
C GLY A 86 -9.78 4.12 -20.73
N LYS A 87 -10.31 4.20 -21.94
CA LYS A 87 -10.13 3.14 -22.93
C LYS A 87 -8.73 3.07 -23.56
N ASP A 88 -8.00 4.19 -23.55
CA ASP A 88 -6.66 4.26 -24.16
C ASP A 88 -5.70 3.17 -23.69
N PHE A 89 -5.87 2.73 -22.44
CA PHE A 89 -4.98 1.76 -21.83
C PHE A 89 -5.80 0.67 -21.18
N ASN A 90 -5.50 -0.58 -21.50
CA ASN A 90 -6.14 -1.69 -20.82
C ASN A 90 -5.26 -2.13 -19.65
N VAL A 91 -5.73 -1.88 -18.44
CA VAL A 91 -4.93 -2.06 -17.23
C VAL A 91 -4.47 -3.48 -16.94
N SER A 92 -5.07 -4.46 -17.62
CA SER A 92 -4.67 -5.85 -17.44
C SER A 92 -3.30 -6.09 -18.06
N LYS A 93 -2.86 -5.17 -18.92
CA LYS A 93 -1.63 -5.35 -19.67
C LYS A 93 -0.41 -4.74 -18.98
N ILE A 94 -0.49 -4.51 -17.67
CA ILE A 94 0.61 -3.89 -16.96
C ILE A 94 1.68 -4.94 -16.76
N LYS A 95 2.94 -4.60 -17.06
CA LYS A 95 4.05 -5.55 -17.03
C LYS A 95 5.17 -5.18 -16.04
N PRO A 96 5.25 -5.91 -14.92
CA PRO A 96 6.38 -5.78 -13.98
C PRO A 96 7.66 -6.36 -14.59
N LEU A 97 8.79 -5.66 -14.43
CA LEU A 97 10.05 -6.07 -15.07
C LEU A 97 11.22 -6.13 -14.09
N TYR A 98 11.19 -5.24 -13.10
CA TYR A 98 12.25 -5.12 -12.12
C TYR A 98 11.64 -4.79 -10.76
N PHE A 99 12.37 -5.12 -9.68
CA PHE A 99 12.00 -4.68 -8.35
C PHE A 99 13.20 -4.06 -7.63
N ARG A 100 12.94 -3.34 -6.54
CA ARG A 100 14.00 -2.87 -5.66
C ARG A 100 13.48 -2.65 -4.24
N GLU A 101 14.39 -2.57 -3.27
CA GLU A 101 13.98 -2.50 -1.88
C GLU A 101 13.85 -1.08 -1.40
N ALA A 102 13.03 -0.90 -0.37
CA ALA A 102 12.92 0.36 0.35
C ALA A 102 14.17 0.50 1.19
N ILE A 103 14.53 1.74 1.51
CA ILE A 103 15.69 2.01 2.33
C ILE A 103 15.38 3.11 3.35
N ILE A 104 16.28 3.26 4.32
CA ILE A 104 16.28 4.43 5.18
C ILE A 104 17.35 5.42 4.70
N LEU A 105 16.94 6.65 4.45
CA LEU A 105 17.89 7.70 4.12
C LEU A 105 18.02 8.62 5.32
N THR A 106 19.22 8.69 5.88
CA THR A 106 19.47 9.57 7.02
C THR A 106 20.28 10.76 6.52
N GLN A 107 20.51 11.74 7.39
CA GLN A 107 21.42 12.82 7.05
C GLN A 107 22.83 12.28 6.88
N LYS A 108 23.64 12.97 6.08
CA LYS A 108 24.99 12.52 5.75
C LYS A 108 25.80 12.10 6.98
N GLY A 109 26.41 10.92 6.91
CA GLY A 109 27.24 10.44 8.00
C GLY A 109 26.45 9.76 9.11
N ASN A 110 25.13 9.73 9.00
CA ASN A 110 24.28 9.06 9.97
C ASN A 110 24.66 9.40 11.43
N PRO A 111 24.52 10.68 11.81
CA PRO A 111 24.99 11.07 13.15
C PRO A 111 24.13 10.57 14.30
N LEU A 112 22.91 10.11 14.02
CA LEU A 112 22.08 9.53 15.07
C LEU A 112 22.31 8.02 15.18
N LYS A 113 23.18 7.50 14.32
CA LYS A 113 23.54 6.08 14.30
C LYS A 113 22.34 5.14 14.11
N ILE A 114 21.47 5.46 13.17
CA ILE A 114 20.32 4.61 12.85
C ILE A 114 20.77 3.30 12.20
N LYS A 115 20.30 2.18 12.77
CA LYS A 115 20.71 0.84 12.32
C LYS A 115 19.62 0.10 11.54
N GLY A 116 18.39 0.60 11.59
CA GLY A 116 17.28 -0.04 10.89
C GLY A 116 15.96 0.55 11.35
N LEU A 117 14.86 -0.10 10.99
CA LEU A 117 13.51 0.37 11.34
C LEU A 117 13.20 0.25 12.83
N LYS A 118 13.58 -0.86 13.45
CA LYS A 118 13.34 -0.97 14.89
C LYS A 118 14.05 0.16 15.64
N ASP A 119 15.26 0.49 15.19
CA ASP A 119 15.99 1.64 15.73
C ASP A 119 15.18 2.94 15.61
N LEU A 120 14.57 3.19 14.45
CA LEU A 120 13.70 4.37 14.23
C LEU A 120 12.49 4.42 15.15
N ALA A 121 12.03 3.26 15.60
CA ALA A 121 10.91 3.18 16.53
C ALA A 121 11.34 3.59 17.93
N ASN A 122 12.56 3.21 18.31
CA ASN A 122 13.03 3.35 19.69
C ASN A 122 13.66 4.69 20.03
N LYS A 123 14.34 5.30 19.06
CA LYS A 123 15.03 6.57 19.26
C LYS A 123 14.09 7.77 19.08
N LYS A 124 14.53 8.94 19.56
CA LYS A 124 13.85 10.17 19.24
C LYS A 124 14.39 10.60 17.90
N VAL A 125 13.53 10.58 16.89
CA VAL A 125 13.91 10.87 15.51
C VAL A 125 12.71 11.45 14.77
N ARG A 126 12.98 12.21 13.73
CA ARG A 126 11.94 12.75 12.86
C ARG A 126 12.01 12.03 11.52
N ILE A 127 10.96 11.27 11.23
CA ILE A 127 10.92 10.41 10.05
C ILE A 127 9.93 11.02 9.09
N VAL A 128 10.24 11.01 7.79
CA VAL A 128 9.28 11.35 6.76
C VAL A 128 8.97 10.09 5.95
N VAL A 129 7.68 9.82 5.75
CA VAL A 129 7.24 8.63 5.03
C VAL A 129 6.50 9.05 3.77
N PRO A 130 6.53 8.19 2.73
CA PRO A 130 6.01 8.48 1.40
C PRO A 130 4.52 8.16 1.21
N GLU A 131 3.67 8.87 1.94
CA GLU A 131 2.22 8.69 1.82
C GLU A 131 1.57 9.91 1.18
N GLY A 132 0.59 9.67 0.30
CA GLY A 132 -0.11 10.76 -0.38
C GLY A 132 -1.54 10.98 0.08
N ALA A 133 -1.91 10.33 1.19
CA ALA A 133 -3.17 10.57 1.88
C ALA A 133 -4.42 10.55 1.00
N GLY A 134 -4.45 9.64 0.04
CA GLY A 134 -5.59 9.54 -0.88
C GLY A 134 -5.72 10.75 -1.79
N GLU A 135 -4.75 11.66 -1.74
CA GLU A 135 -4.80 12.84 -2.61
C GLU A 135 -3.97 12.69 -3.88
N SER A 136 -3.15 11.64 -3.96
CA SER A 136 -2.37 11.36 -5.16
C SER A 136 -2.00 9.88 -5.29
N ASN A 137 -1.71 9.47 -6.52
CA ASN A 137 -1.27 8.10 -6.79
C ASN A 137 0.25 8.01 -6.69
N THR A 138 0.73 7.46 -5.59
CA THR A 138 2.16 7.48 -5.32
C THR A 138 2.71 6.09 -4.97
N SER A 139 3.98 5.86 -5.29
CA SER A 139 4.56 4.53 -5.18
C SER A 139 4.65 4.00 -3.75
N GLY A 140 4.80 4.90 -2.78
CA GLY A 140 5.07 4.51 -1.40
C GLY A 140 3.89 4.14 -0.52
N THR A 141 2.67 4.28 -1.04
CA THR A 141 1.46 4.02 -0.28
C THR A 141 1.42 2.62 0.34
N GLY A 142 1.41 2.56 1.67
CA GLY A 142 1.36 1.29 2.39
C GLY A 142 2.72 0.73 2.76
N VAL A 143 3.79 1.37 2.30
CA VAL A 143 5.13 0.84 2.51
C VAL A 143 5.56 0.83 3.98
N TRP A 144 5.50 1.97 4.65
CA TRP A 144 6.06 2.02 6.00
C TRP A 144 5.34 1.06 6.95
N GLU A 145 4.01 0.99 6.83
CA GLU A 145 3.20 0.13 7.72
C GLU A 145 3.42 -1.37 7.48
N ASP A 146 3.59 -1.75 6.22
CA ASP A 146 3.84 -3.14 5.91
C ASP A 146 5.19 -3.60 6.45
N MET A 147 6.18 -2.69 6.47
CA MET A 147 7.50 -3.03 7.01
C MET A 147 7.52 -3.09 8.54
N ILE A 148 7.08 -2.03 9.20
CA ILE A 148 7.05 -2.01 10.67
C ILE A 148 6.02 -2.97 11.29
N GLY A 149 4.96 -3.29 10.55
CA GLY A 149 3.96 -4.26 11.01
C GLY A 149 4.46 -5.70 11.09
N ARG A 150 5.54 -6.00 10.36
CA ARG A 150 6.19 -7.31 10.41
C ARG A 150 6.99 -7.58 11.70
N THR A 151 7.24 -6.54 12.50
CA THR A 151 7.67 -6.74 13.89
C THR A 151 6.59 -7.40 14.77
N GLN A 152 5.32 -7.28 14.37
CA GLN A 152 4.24 -7.94 15.08
C GLN A 152 4.17 -7.45 16.51
N ASP A 153 4.56 -6.20 16.71
CA ASP A 153 4.47 -5.59 18.03
C ASP A 153 3.80 -4.22 17.90
N ILE A 154 2.61 -4.10 18.48
CA ILE A 154 1.81 -2.86 18.38
C ILE A 154 2.47 -1.60 18.99
N LYS A 155 3.27 -1.79 20.04
CA LYS A 155 4.02 -0.70 20.65
C LYS A 155 5.08 -0.13 19.69
N THR A 156 5.86 -1.03 19.07
CA THR A 156 6.82 -0.67 18.05
C THR A 156 6.10 0.04 16.91
N ILE A 157 5.02 -0.56 16.44
CA ILE A 157 4.26 0.05 15.37
C ILE A 157 3.92 1.44 15.86
N GLN A 158 3.32 1.50 17.05
CA GLN A 158 2.96 2.77 17.70
C GLN A 158 4.09 3.79 17.80
N ASN A 159 5.22 3.35 18.35
CA ASN A 159 6.37 4.23 18.55
C ASN A 159 6.91 4.73 17.23
N PHE A 160 6.84 3.89 16.22
CA PHE A 160 7.30 4.31 14.90
C PHE A 160 6.41 5.44 14.39
N ARG A 161 5.10 5.25 14.46
CA ARG A 161 4.20 6.26 13.91
C ARG A 161 4.41 7.59 14.61
N ASN A 162 4.68 7.53 15.89
CA ASN A 162 4.83 8.75 16.70
C ASN A 162 6.07 9.56 16.38
N ASN A 163 7.02 8.97 15.66
CA ASN A 163 8.21 9.66 15.21
C ASN A 163 8.10 10.22 13.80
N ILE A 164 6.96 9.99 13.15
CA ILE A 164 6.75 10.47 11.80
C ILE A 164 6.30 11.92 11.83
N VAL A 165 7.08 12.81 11.23
CA VAL A 165 6.79 14.23 11.24
C VAL A 165 6.01 14.70 10.01
N ALA A 166 6.05 13.93 8.93
CA ALA A 166 5.35 14.27 7.70
C ALA A 166 4.95 13.04 6.92
N PHE A 167 3.73 13.07 6.39
CA PHE A 167 3.23 12.09 5.44
C PHE A 167 3.13 12.77 4.07
N VAL A 168 4.14 12.56 3.23
CA VAL A 168 4.19 13.23 1.94
C VAL A 168 4.67 12.28 0.83
N PRO A 169 4.12 12.41 -0.40
CA PRO A 169 4.61 11.55 -1.48
C PRO A 169 6.13 11.63 -1.68
N ASN A 170 6.71 10.51 -2.10
CA ASN A 170 8.16 10.43 -2.33
C ASN A 170 8.58 11.59 -3.24
N SER A 171 9.79 12.09 -3.04
CA SER A 171 10.23 13.27 -3.80
C SER A 171 10.46 12.93 -5.27
N GLY A 172 10.71 11.66 -5.55
CA GLY A 172 10.82 11.15 -6.92
C GLY A 172 11.81 11.88 -7.82
N SER A 173 11.31 12.80 -8.63
CA SER A 173 12.14 13.49 -9.61
C SER A 173 12.94 14.67 -9.02
N ALA A 174 12.58 15.09 -7.81
CA ALA A 174 13.31 16.16 -7.14
C ALA A 174 14.58 15.62 -6.49
N ARG A 175 15.69 16.33 -6.71
CA ARG A 175 16.96 16.03 -6.05
C ARG A 175 16.89 16.50 -4.60
N LYS A 176 15.68 16.82 -4.16
CA LYS A 176 15.43 17.44 -2.87
C LYS A 176 14.43 16.64 -2.04
N LEU A 177 14.78 16.32 -0.81
CA LEU A 177 13.84 15.66 0.10
C LEU A 177 12.88 16.69 0.66
N PHE A 178 11.71 16.26 1.10
CA PHE A 178 10.81 17.15 1.81
C PHE A 178 11.34 17.40 3.23
N ALA A 179 11.55 18.66 3.57
CA ALA A 179 12.05 19.00 4.91
C ALA A 179 13.44 18.40 5.11
N GLN A 180 14.31 18.55 4.11
CA GLN A 180 15.58 17.82 4.09
C GLN A 180 16.66 18.24 5.11
N ASP A 181 16.51 19.42 5.69
CA ASP A 181 17.37 19.86 6.78
C ASP A 181 16.59 19.81 8.10
N GLN A 182 15.41 19.20 8.04
CA GLN A 182 14.49 19.16 9.18
C GLN A 182 14.25 17.75 9.70
N ALA A 183 13.95 16.83 8.79
CA ALA A 183 13.73 15.44 9.16
C ALA A 183 15.07 14.75 9.41
N ASP A 184 15.06 13.66 10.15
CA ASP A 184 16.27 12.89 10.41
C ASP A 184 16.42 11.68 9.48
N ALA A 185 15.29 11.16 9.01
CA ALA A 185 15.26 9.91 8.24
C ALA A 185 14.10 9.93 7.26
N TRP A 186 14.34 9.45 6.04
CA TRP A 186 13.27 9.28 5.07
C TRP A 186 13.14 7.81 4.70
N ILE A 187 11.91 7.30 4.72
CA ILE A 187 11.69 5.99 4.13
C ILE A 187 11.58 6.22 2.63
N THR A 188 12.52 5.68 1.88
CA THR A 188 12.52 5.88 0.44
C THR A 188 12.90 4.59 -0.33
N TRP A 189 13.28 4.73 -1.60
CA TRP A 189 13.67 3.56 -2.40
C TRP A 189 15.16 3.64 -2.72
N ILE A 190 15.81 2.48 -2.80
CA ILE A 190 17.22 2.44 -3.15
C ILE A 190 17.52 3.23 -4.43
N ASP A 191 16.71 3.06 -5.47
CA ASP A 191 16.95 3.75 -6.73
C ASP A 191 17.05 5.27 -6.58
N TRP A 192 16.39 5.83 -5.57
CA TRP A 192 16.52 7.26 -5.32
C TRP A 192 17.93 7.55 -4.85
N SER A 193 18.37 6.83 -3.83
CA SER A 193 19.71 7.00 -3.34
C SER A 193 20.73 6.81 -4.47
N LYS A 194 20.47 5.87 -5.36
CA LYS A 194 21.37 5.55 -6.45
C LYS A 194 21.46 6.69 -7.44
N SER A 195 20.32 7.34 -7.64
CA SER A 195 20.18 8.47 -8.56
C SER A 195 20.68 9.81 -7.98
N ASN A 196 20.79 9.88 -6.66
CA ASN A 196 21.25 11.07 -5.96
C ASN A 196 22.29 10.70 -4.93
N PRO A 197 23.42 10.17 -5.41
CA PRO A 197 24.51 9.59 -4.61
C PRO A 197 25.14 10.52 -3.57
N ASP A 198 25.00 11.83 -3.74
CA ASP A 198 25.63 12.76 -2.82
C ASP A 198 24.67 13.31 -1.78
N ILE A 199 23.45 12.80 -1.76
CA ILE A 199 22.46 13.27 -0.80
C ILE A 199 22.15 12.23 0.28
N GLY A 200 22.50 12.56 1.52
CA GLY A 200 22.19 11.71 2.66
C GLY A 200 23.04 10.45 2.77
N THR A 201 22.66 9.57 3.68
CA THR A 201 23.34 8.31 3.88
C THR A 201 22.31 7.19 3.90
N ALA A 202 22.43 6.25 2.97
CA ALA A 202 21.52 5.11 2.88
C ALA A 202 21.79 4.09 3.99
N VAL A 203 20.73 3.73 4.72
CA VAL A 203 20.80 2.67 5.71
C VAL A 203 19.83 1.56 5.30
N ALA A 204 20.36 0.33 5.22
CA ALA A 204 19.58 -0.82 4.82
C ALA A 204 18.62 -1.29 5.91
N ILE A 205 17.41 -1.64 5.47
CA ILE A 205 16.36 -2.11 6.36
C ILE A 205 16.53 -3.61 6.63
N GLU A 206 16.16 -4.03 7.85
CA GLU A 206 16.20 -5.44 8.22
C GLU A 206 15.52 -6.31 7.14
N LYS A 207 16.18 -7.41 6.78
CA LYS A 207 15.70 -8.27 5.70
C LYS A 207 14.34 -8.83 6.03
N ASP A 208 14.11 -9.07 7.32
CA ASP A 208 12.90 -9.72 7.75
C ASP A 208 11.73 -8.73 7.74
N LEU A 209 12.01 -7.47 7.44
CA LEU A 209 11.00 -6.41 7.52
C LEU A 209 10.77 -5.67 6.20
N VAL A 210 11.83 -5.57 5.39
CA VAL A 210 11.82 -4.75 4.18
C VAL A 210 10.84 -5.24 3.11
N VAL A 211 10.25 -4.31 2.37
CA VAL A 211 9.42 -4.64 1.20
C VAL A 211 10.07 -4.18 -0.11
N TYR A 212 9.71 -4.86 -1.19
CA TYR A 212 10.27 -4.59 -2.51
C TYR A 212 9.13 -4.29 -3.46
N ARG A 213 9.24 -3.20 -4.20
CA ARG A 213 8.19 -2.86 -5.16
C ARG A 213 8.75 -2.74 -6.58
N THR A 214 7.88 -2.78 -7.57
CA THR A 214 8.31 -3.04 -8.94
C THR A 214 8.32 -1.83 -9.85
N PHE A 215 9.13 -1.93 -10.90
CA PHE A 215 9.01 -1.08 -12.07
C PHE A 215 8.08 -1.78 -13.09
N ASN A 216 7.24 -1.03 -13.75
CA ASN A 216 6.37 -1.67 -14.72
C ASN A 216 6.08 -0.77 -15.92
N VAL A 217 5.57 -1.36 -17.01
CA VAL A 217 5.25 -0.59 -18.21
C VAL A 217 3.90 -1.05 -18.78
N ILE A 218 3.23 -0.17 -19.52
CA ILE A 218 2.06 -0.60 -20.24
C ILE A 218 1.91 0.23 -21.52
N ALA A 219 1.52 -0.44 -22.60
CA ALA A 219 1.38 0.20 -23.91
C ALA A 219 -0.07 0.53 -24.15
N LYS A 220 -0.30 1.63 -24.88
CA LYS A 220 -1.65 2.03 -25.24
C LYS A 220 -2.24 0.92 -26.09
N GLU A 221 -3.56 0.82 -26.08
CA GLU A 221 -4.23 -0.03 -27.04
C GLU A 221 -3.87 0.52 -28.41
N GLY A 222 -3.39 -0.35 -29.28
CA GLY A 222 -3.01 0.05 -30.63
C GLY A 222 -1.59 0.54 -30.76
N ALA A 223 -0.76 0.25 -29.76
CA ALA A 223 0.65 0.63 -29.78
C ALA A 223 1.29 0.18 -31.08
N SER A 224 2.07 1.06 -31.69
CA SER A 224 2.77 0.74 -32.91
C SER A 224 3.84 -0.28 -32.61
N LYS A 225 4.44 -0.84 -33.65
CA LYS A 225 5.52 -1.82 -33.49
C LYS A 225 6.78 -1.16 -32.92
N GLU A 226 6.97 0.11 -33.25
CA GLU A 226 8.01 0.94 -32.69
C GLU A 226 7.93 0.95 -31.17
N THR A 227 6.74 1.26 -30.66
CA THR A 227 6.46 1.21 -29.23
C THR A 227 6.76 -0.18 -28.65
N GLN A 228 6.20 -1.22 -29.26
CA GLN A 228 6.39 -2.59 -28.80
C GLN A 228 7.86 -2.97 -28.75
N ASP A 229 8.61 -2.52 -29.76
CA ASP A 229 10.04 -2.82 -29.83
C ASP A 229 10.85 -2.15 -28.70
N PHE A 230 10.50 -0.93 -28.33
CA PHE A 230 11.19 -0.31 -27.19
C PHE A 230 10.87 -1.05 -25.88
N ILE A 231 9.63 -1.47 -25.70
CA ILE A 231 9.30 -2.30 -24.53
C ILE A 231 10.14 -3.57 -24.48
N ALA A 232 10.32 -4.23 -25.62
CA ALA A 232 11.20 -5.40 -25.68
C ALA A 232 12.62 -5.07 -25.22
N TYR A 233 13.11 -3.89 -25.60
CA TYR A 233 14.47 -3.47 -25.25
C TYR A 233 14.63 -3.30 -23.73
N LEU A 234 13.55 -2.99 -23.03
CA LEU A 234 13.64 -2.80 -21.59
C LEU A 234 14.06 -4.08 -20.88
N SER A 235 13.98 -5.20 -21.60
CA SER A 235 14.38 -6.52 -21.08
C SER A 235 15.64 -7.06 -21.73
N SER A 236 16.27 -6.27 -22.59
CA SER A 236 17.47 -6.73 -23.27
C SER A 236 18.61 -6.72 -22.27
N LYS A 237 19.73 -7.29 -22.65
CA LYS A 237 20.90 -7.39 -21.77
C LYS A 237 21.42 -6.02 -21.42
N GLU A 238 21.33 -5.09 -22.36
CA GLU A 238 21.83 -3.73 -22.14
C GLU A 238 20.96 -2.96 -21.15
N ALA A 239 19.65 -3.07 -21.31
CA ALA A 239 18.73 -2.45 -20.35
C ALA A 239 18.89 -3.02 -18.94
N LYS A 240 18.89 -4.35 -18.81
CA LYS A 240 19.12 -5.00 -17.53
C LYS A 240 20.26 -4.35 -16.78
N GLU A 241 21.37 -4.09 -17.47
CA GLU A 241 22.56 -3.56 -16.81
C GLU A 241 22.42 -2.09 -16.38
N ILE A 242 21.74 -1.28 -17.17
CA ILE A 242 21.46 0.09 -16.74
C ILE A 242 20.53 0.06 -15.53
N PHE A 243 19.47 -0.74 -15.60
CA PHE A 243 18.56 -0.87 -14.47
C PHE A 243 19.30 -1.28 -13.20
N LYS A 244 20.19 -2.26 -13.34
CA LYS A 244 20.96 -2.74 -12.19
C LYS A 244 21.84 -1.67 -11.55
N LYS A 245 22.30 -0.70 -12.36
CA LYS A 245 23.14 0.37 -11.85
C LYS A 245 22.36 1.25 -10.87
N TYR A 246 21.06 1.41 -11.12
CA TYR A 246 20.22 2.26 -10.29
C TYR A 246 19.45 1.49 -9.21
N GLY A 247 19.85 0.24 -8.97
CA GLY A 247 19.25 -0.55 -7.90
C GLY A 247 18.14 -1.52 -8.25
N TRP A 248 17.71 -1.54 -9.51
CA TRP A 248 16.63 -2.43 -9.94
C TRP A 248 17.13 -3.84 -10.19
N ARG A 249 16.43 -4.83 -9.63
CA ARG A 249 16.88 -6.22 -9.65
C ARG A 249 15.83 -7.14 -10.29
N GLU A 250 16.21 -8.38 -10.55
CA GLU A 250 15.31 -9.37 -11.12
C GLU A 250 15.22 -10.63 -10.28
N HIS A 251 16.32 -10.95 -9.58
CA HIS A 251 16.45 -12.16 -8.77
C HIS A 251 16.86 -11.83 -7.35
N ASP B 21 -24.55 9.81 22.93
CA ASP B 21 -24.41 9.26 21.55
C ASP B 21 -22.95 9.29 21.08
N VAL B 22 -22.24 8.19 21.31
CA VAL B 22 -20.88 8.03 20.79
C VAL B 22 -20.95 7.36 19.42
N ASN B 23 -20.73 8.16 18.38
CA ASN B 23 -20.87 7.71 17.00
C ASN B 23 -19.55 7.32 16.34
N LEU B 24 -19.49 6.10 15.81
CA LEU B 24 -18.30 5.63 15.11
C LEU B 24 -18.57 5.44 13.62
N TYR B 25 -17.58 5.78 12.79
CA TYR B 25 -17.63 5.49 11.36
C TYR B 25 -16.31 4.87 10.90
N GLY B 26 -16.41 3.95 9.94
CA GLY B 26 -15.23 3.37 9.29
C GLY B 26 -15.65 2.31 8.31
N PRO B 27 -14.67 1.50 7.84
CA PRO B 27 -14.93 0.46 6.85
C PRO B 27 -15.58 -0.78 7.46
N GLY B 28 -16.25 -1.57 6.63
CA GLY B 28 -16.76 -2.85 7.07
C GLY B 28 -15.57 -3.76 7.26
N GLY B 29 -15.71 -4.73 8.16
CA GLY B 29 -14.62 -5.61 8.53
C GLY B 29 -14.43 -5.64 10.03
N PRO B 30 -13.75 -4.63 10.59
CA PRO B 30 -13.65 -4.50 12.04
C PRO B 30 -14.99 -4.12 12.69
N HIS B 31 -16.00 -3.81 11.89
CA HIS B 31 -17.28 -3.41 12.47
C HIS B 31 -17.89 -4.50 13.35
N THR B 32 -17.67 -5.76 12.98
CA THR B 32 -18.24 -6.87 13.73
C THR B 32 -17.70 -6.94 15.16
N ALA B 33 -16.38 -6.74 15.29
CA ALA B 33 -15.74 -6.71 16.59
C ALA B 33 -16.19 -5.48 17.38
N LEU B 34 -16.36 -4.36 16.68
CA LEU B 34 -16.76 -3.10 17.31
C LEU B 34 -18.22 -3.05 17.71
N LYS B 35 -19.03 -3.92 17.11
CA LYS B 35 -20.44 -3.99 17.48
C LYS B 35 -20.63 -4.86 18.70
N ASP B 36 -19.88 -5.96 18.78
CA ASP B 36 -19.82 -6.73 20.01
C ASP B 36 -19.51 -5.77 21.15
N ILE B 37 -18.36 -5.10 21.05
CA ILE B 37 -17.86 -4.16 22.06
C ILE B 37 -18.82 -3.02 22.41
N ALA B 38 -19.44 -2.42 21.38
CA ALA B 38 -20.40 -1.33 21.61
C ALA B 38 -21.67 -1.85 22.27
N ASN B 39 -22.00 -3.10 21.94
CA ASN B 39 -23.13 -3.78 22.55
C ASN B 39 -22.91 -3.87 24.05
N LYS B 40 -21.73 -4.37 24.42
CA LYS B 40 -21.32 -4.51 25.82
C LYS B 40 -21.31 -3.16 26.54
N TYR B 41 -20.48 -2.24 26.04
CA TYR B 41 -20.37 -0.89 26.61
C TYR B 41 -21.72 -0.19 26.83
N SER B 42 -22.71 -0.51 26.01
CA SER B 42 -24.03 0.11 26.14
C SER B 42 -24.81 -0.45 27.34
N GLU B 43 -24.92 -1.77 27.44
CA GLU B 43 -25.64 -2.35 28.56
C GLU B 43 -24.89 -2.27 29.91
N LYS B 44 -23.59 -1.96 29.85
CA LYS B 44 -22.79 -1.83 31.07
C LYS B 44 -22.79 -0.41 31.64
N THR B 45 -22.84 0.60 30.77
CA THR B 45 -22.66 1.98 31.20
C THR B 45 -23.79 2.90 30.76
N GLY B 46 -24.70 2.37 29.95
CA GLY B 46 -25.86 3.15 29.47
C GLY B 46 -25.55 4.08 28.32
N VAL B 47 -24.26 4.21 27.99
CA VAL B 47 -23.82 5.09 26.91
C VAL B 47 -24.11 4.47 25.54
N LYS B 48 -24.93 5.17 24.74
CA LYS B 48 -25.30 4.69 23.41
C LYS B 48 -24.16 4.86 22.40
N VAL B 49 -23.63 3.71 21.96
CA VAL B 49 -22.49 3.67 21.05
C VAL B 49 -22.92 3.14 19.69
N ASN B 50 -22.91 4.02 18.68
CA ASN B 50 -23.32 3.66 17.32
C ASN B 50 -22.16 3.32 16.40
N VAL B 51 -22.18 2.10 15.85
CA VAL B 51 -21.16 1.66 14.91
C VAL B 51 -21.65 1.72 13.46
N ASN B 52 -21.27 2.79 12.77
CA ASN B 52 -21.58 2.98 11.36
C ASN B 52 -20.44 2.43 10.51
N PHE B 53 -20.77 1.76 9.41
CA PHE B 53 -19.75 1.10 8.60
C PHE B 53 -20.08 0.98 7.11
N GLY B 54 -19.10 0.48 6.35
CA GLY B 54 -19.25 0.27 4.92
C GLY B 54 -18.30 1.13 4.14
N PRO B 55 -18.44 1.14 2.80
CA PRO B 55 -17.63 2.00 1.93
C PRO B 55 -17.78 3.47 2.34
N GLN B 56 -16.68 4.21 2.32
CA GLN B 56 -16.68 5.60 2.77
C GLN B 56 -17.80 6.43 2.16
N ALA B 57 -18.10 6.18 0.89
CA ALA B 57 -19.10 6.95 0.16
C ALA B 57 -20.50 6.85 0.76
N THR B 58 -20.80 5.70 1.37
CA THR B 58 -22.15 5.45 1.88
C THR B 58 -22.43 6.10 3.24
N TRP B 59 -21.40 6.59 3.91
CA TRP B 59 -21.61 7.27 5.19
C TRP B 59 -20.87 8.60 5.34
N PHE B 60 -20.28 9.11 4.26
CA PHE B 60 -19.48 10.34 4.32
C PHE B 60 -20.29 11.57 4.72
N GLU B 61 -21.36 11.87 3.98
CA GLU B 61 -22.20 13.02 4.28
C GLU B 61 -22.72 12.96 5.71
N LYS B 62 -23.18 11.78 6.12
CA LYS B 62 -23.68 11.56 7.47
C LYS B 62 -22.63 11.92 8.51
N ALA B 63 -21.44 11.35 8.37
CA ALA B 63 -20.33 11.55 9.32
C ALA B 63 -19.75 12.95 9.27
N LYS B 64 -19.84 13.60 8.10
CA LYS B 64 -19.46 14.99 7.94
C LYS B 64 -20.21 15.85 8.97
N LYS B 65 -21.34 15.33 9.45
CA LYS B 65 -22.20 16.05 10.38
C LYS B 65 -22.07 15.62 11.84
N ASP B 66 -21.82 14.34 12.11
CA ASP B 66 -21.82 13.88 13.50
C ASP B 66 -20.78 12.84 13.95
N ALA B 67 -19.71 12.63 13.18
CA ALA B 67 -18.70 11.64 13.57
C ALA B 67 -18.00 12.02 14.86
N ASP B 68 -17.99 11.11 15.82
CA ASP B 68 -17.23 11.32 17.04
C ASP B 68 -15.88 10.64 16.88
N ILE B 69 -15.91 9.43 16.33
CA ILE B 69 -14.71 8.63 16.10
C ILE B 69 -14.69 8.10 14.67
N LEU B 70 -13.50 8.09 14.06
CA LEU B 70 -13.27 7.32 12.85
C LEU B 70 -12.38 6.13 13.18
N PHE B 71 -12.79 4.95 12.74
CA PHE B 71 -11.98 3.74 12.92
C PHE B 71 -11.53 3.30 11.53
N GLY B 72 -10.45 2.54 11.46
CA GLY B 72 -9.86 2.20 10.18
C GLY B 72 -9.32 0.79 10.17
N ALA B 73 -9.10 0.26 8.97
CA ALA B 73 -8.65 -1.12 8.80
C ALA B 73 -7.21 -1.20 8.24
N SER B 74 -6.60 -0.04 8.02
CA SER B 74 -5.15 0.09 7.79
C SER B 74 -4.74 1.54 8.09
N ASP B 75 -3.45 1.80 8.14
CA ASP B 75 -2.99 3.16 8.39
C ASP B 75 -3.20 4.05 7.16
N GLN B 76 -2.76 3.58 6.00
CA GLN B 76 -2.91 4.38 4.78
C GLN B 76 -4.37 4.75 4.50
N SER B 77 -5.28 3.82 4.71
CA SER B 77 -6.68 4.10 4.40
C SER B 77 -7.31 5.03 5.45
N ALA B 78 -6.91 4.84 6.71
CA ALA B 78 -7.35 5.71 7.81
C ALA B 78 -6.86 7.13 7.57
N LEU B 79 -5.60 7.25 7.15
CA LEU B 79 -5.01 8.56 6.87
C LEU B 79 -5.77 9.28 5.76
N ALA B 80 -6.12 8.54 4.71
CA ALA B 80 -6.81 9.12 3.56
C ALA B 80 -8.24 9.57 3.88
N ILE B 81 -8.96 8.76 4.66
CA ILE B 81 -10.35 9.06 5.03
C ILE B 81 -10.46 10.23 6.01
N ALA B 82 -9.62 10.22 7.05
CA ALA B 82 -9.56 11.31 8.02
C ALA B 82 -9.15 12.64 7.40
N SER B 83 -8.41 12.59 6.30
CA SER B 83 -7.95 13.79 5.60
C SER B 83 -9.07 14.39 4.76
N ASP B 84 -10.17 13.65 4.67
CA ASP B 84 -11.34 14.08 3.90
C ASP B 84 -12.33 14.94 4.68
N PHE B 85 -12.09 15.10 5.98
CA PHE B 85 -12.98 15.90 6.84
C PHE B 85 -12.41 17.25 7.27
N GLY B 86 -11.27 17.63 6.70
CA GLY B 86 -10.64 18.90 6.99
C GLY B 86 -10.41 19.11 8.47
N LYS B 87 -10.77 20.30 8.96
CA LYS B 87 -10.52 20.71 10.35
C LYS B 87 -11.10 19.82 11.47
N ASP B 88 -12.09 18.99 11.14
CA ASP B 88 -12.79 18.12 12.10
C ASP B 88 -11.85 17.18 12.86
N PHE B 89 -10.85 16.67 12.15
CA PHE B 89 -9.94 15.67 12.67
C PHE B 89 -8.50 16.09 12.40
N ASN B 90 -7.61 15.80 13.33
CA ASN B 90 -6.18 16.00 13.09
C ASN B 90 -5.51 14.65 12.86
N VAL B 91 -5.16 14.38 11.61
CA VAL B 91 -4.66 13.07 11.21
C VAL B 91 -3.45 12.61 12.05
N SER B 92 -2.78 13.56 12.69
CA SER B 92 -1.68 13.23 13.61
C SER B 92 -2.13 12.36 14.79
N LYS B 93 -3.41 12.43 15.13
CA LYS B 93 -3.93 11.74 16.31
C LYS B 93 -4.46 10.33 16.02
N ILE B 94 -4.24 9.82 14.82
CA ILE B 94 -4.66 8.45 14.49
C ILE B 94 -3.94 7.47 15.42
N LYS B 95 -4.69 6.59 16.07
CA LYS B 95 -4.12 5.68 17.06
C LYS B 95 -4.27 4.20 16.67
N PRO B 96 -3.15 3.55 16.30
CA PRO B 96 -3.07 2.10 16.06
C PRO B 96 -3.19 1.28 17.35
N LEU B 97 -4.14 0.36 17.37
CA LEU B 97 -4.43 -0.40 18.58
C LEU B 97 -4.19 -1.92 18.46
N TYR B 98 -4.54 -2.50 17.31
CA TYR B 98 -4.27 -3.92 17.03
C TYR B 98 -3.86 -4.10 15.58
N PHE B 99 -3.35 -5.28 15.28
CA PHE B 99 -2.98 -5.69 13.92
C PHE B 99 -3.47 -7.12 13.62
N ARG B 100 -3.49 -7.48 12.34
CA ARG B 100 -3.89 -8.81 11.94
C ARG B 100 -3.24 -9.12 10.60
N GLU B 101 -3.01 -10.40 10.33
CA GLU B 101 -2.33 -10.80 9.11
C GLU B 101 -3.25 -10.92 7.90
N ALA B 102 -2.70 -10.66 6.73
CA ALA B 102 -3.32 -11.03 5.46
C ALA B 102 -3.46 -12.56 5.37
N ILE B 103 -4.50 -13.01 4.68
CA ILE B 103 -4.71 -14.43 4.41
C ILE B 103 -5.04 -14.71 2.94
N ILE B 104 -4.94 -15.97 2.56
CA ILE B 104 -5.55 -16.46 1.34
C ILE B 104 -6.84 -17.15 1.72
N LEU B 105 -7.94 -16.77 1.06
CA LEU B 105 -9.20 -17.45 1.22
C LEU B 105 -9.47 -18.21 -0.07
N THR B 106 -9.64 -19.52 0.05
CA THR B 106 -9.97 -20.35 -1.09
C THR B 106 -11.45 -20.74 -1.06
N GLN B 107 -11.86 -21.54 -2.03
CA GLN B 107 -13.20 -22.13 -2.08
C GLN B 107 -13.28 -23.13 -0.93
N LYS B 108 -14.47 -23.36 -0.41
CA LYS B 108 -14.59 -24.24 0.75
C LYS B 108 -13.91 -25.59 0.52
N GLY B 109 -13.06 -25.99 1.46
CA GLY B 109 -12.37 -27.27 1.35
C GLY B 109 -11.05 -27.24 0.59
N ASN B 110 -10.73 -26.09 -0.02
CA ASN B 110 -9.44 -25.90 -0.70
C ASN B 110 -9.08 -27.04 -1.67
N PRO B 111 -9.93 -27.25 -2.70
CA PRO B 111 -9.80 -28.35 -3.63
C PRO B 111 -8.49 -28.33 -4.43
N LEU B 112 -7.97 -27.14 -4.70
CA LEU B 112 -6.75 -27.04 -5.49
C LEU B 112 -5.52 -27.23 -4.62
N LYS B 113 -5.75 -27.46 -3.33
CA LYS B 113 -4.68 -27.72 -2.35
C LYS B 113 -3.60 -26.64 -2.30
N ILE B 114 -4.04 -25.38 -2.30
CA ILE B 114 -3.17 -24.22 -2.24
C ILE B 114 -2.46 -24.16 -0.89
N LYS B 115 -1.14 -24.00 -0.92
CA LYS B 115 -0.32 -24.05 0.29
C LYS B 115 0.25 -22.68 0.70
N GLY B 116 0.10 -21.69 -0.17
CA GLY B 116 0.60 -20.35 0.11
C GLY B 116 0.71 -19.53 -1.16
N LEU B 117 1.23 -18.30 -1.03
CA LEU B 117 1.41 -17.38 -2.15
C LEU B 117 2.19 -17.97 -3.32
N LYS B 118 3.33 -18.59 -3.05
CA LYS B 118 4.10 -19.17 -4.13
C LYS B 118 3.24 -20.14 -4.95
N ASP B 119 2.36 -20.89 -4.27
CA ASP B 119 1.44 -21.83 -4.90
C ASP B 119 0.49 -21.13 -5.86
N LEU B 120 0.05 -19.93 -5.45
CA LEU B 120 -0.87 -19.16 -6.26
C LEU B 120 -0.18 -18.66 -7.52
N ALA B 121 1.12 -18.38 -7.40
CA ALA B 121 1.96 -17.97 -8.53
C ALA B 121 2.20 -19.11 -9.53
N ASN B 122 2.37 -20.33 -9.00
CA ASN B 122 2.78 -21.49 -9.80
C ASN B 122 1.66 -22.29 -10.48
N LYS B 123 0.47 -22.32 -9.88
CA LYS B 123 -0.65 -23.08 -10.41
C LYS B 123 -1.51 -22.21 -11.32
N LYS B 124 -2.38 -22.84 -12.11
CA LYS B 124 -3.30 -22.11 -12.99
C LYS B 124 -4.55 -21.66 -12.26
N VAL B 125 -4.37 -20.75 -11.29
CA VAL B 125 -5.45 -20.37 -10.42
C VAL B 125 -6.00 -18.99 -10.80
N ARG B 126 -7.19 -18.68 -10.29
CA ARG B 126 -7.80 -17.37 -10.49
C ARG B 126 -7.88 -16.60 -9.17
N ILE B 127 -7.09 -15.52 -9.08
CA ILE B 127 -6.93 -14.75 -7.85
C ILE B 127 -7.69 -13.42 -7.89
N VAL B 128 -8.30 -13.03 -6.77
CA VAL B 128 -8.88 -11.70 -6.63
C VAL B 128 -8.10 -10.97 -5.54
N VAL B 129 -7.63 -9.77 -5.83
CA VAL B 129 -6.87 -8.99 -4.86
C VAL B 129 -7.57 -7.68 -4.50
N PRO B 130 -7.35 -7.18 -3.27
CA PRO B 130 -8.06 -6.06 -2.68
C PRO B 130 -7.49 -4.69 -3.06
N GLU B 131 -7.53 -4.36 -4.35
CA GLU B 131 -7.04 -3.07 -4.82
C GLU B 131 -8.18 -2.17 -5.25
N GLY B 132 -8.03 -0.86 -5.06
CA GLY B 132 -9.11 0.08 -5.38
C GLY B 132 -8.87 0.93 -6.61
N ALA B 133 -7.68 0.79 -7.21
CA ALA B 133 -7.29 1.51 -8.44
C ALA B 133 -7.43 3.04 -8.38
N GLY B 134 -7.24 3.62 -7.19
CA GLY B 134 -7.31 5.06 -7.00
C GLY B 134 -8.73 5.59 -7.00
N GLU B 135 -9.69 4.67 -6.91
CA GLU B 135 -11.11 5.03 -6.96
C GLU B 135 -11.75 5.16 -5.58
N SER B 136 -11.17 4.52 -4.58
CA SER B 136 -11.63 4.67 -3.21
C SER B 136 -10.50 4.36 -2.24
N ASN B 137 -10.65 4.83 -1.01
CA ASN B 137 -9.67 4.52 0.02
C ASN B 137 -10.06 3.20 0.64
N THR B 138 -9.17 2.22 0.55
CA THR B 138 -9.51 0.90 1.01
C THR B 138 -8.27 0.28 1.65
N SER B 139 -8.47 -0.68 2.55
CA SER B 139 -7.38 -1.16 3.41
C SER B 139 -6.37 -2.06 2.72
N GLY B 140 -6.72 -2.57 1.55
CA GLY B 140 -5.91 -3.57 0.86
C GLY B 140 -4.83 -3.00 -0.03
N THR B 141 -4.78 -1.68 -0.16
CA THR B 141 -3.86 -1.06 -1.12
C THR B 141 -2.40 -1.46 -0.89
N GLY B 142 -1.78 -2.01 -1.92
CA GLY B 142 -0.36 -2.37 -1.83
C GLY B 142 -0.10 -3.71 -1.18
N VAL B 143 -1.14 -4.37 -0.68
CA VAL B 143 -0.94 -5.61 0.08
C VAL B 143 -0.39 -6.79 -0.72
N TRP B 144 -1.00 -7.12 -1.85
CA TRP B 144 -0.58 -8.32 -2.57
C TRP B 144 0.85 -8.15 -3.07
N GLU B 145 1.18 -6.96 -3.55
CA GLU B 145 2.50 -6.74 -4.13
C GLU B 145 3.62 -6.74 -3.10
N ASP B 146 3.34 -6.28 -1.89
CA ASP B 146 4.35 -6.26 -0.83
C ASP B 146 4.66 -7.66 -0.32
N MET B 147 3.67 -8.55 -0.38
CA MET B 147 3.88 -9.93 0.04
C MET B 147 4.63 -10.72 -1.03
N ILE B 148 4.10 -10.76 -2.25
CA ILE B 148 4.77 -11.51 -3.31
C ILE B 148 6.14 -10.91 -3.65
N GLY B 149 6.29 -9.60 -3.48
CA GLY B 149 7.56 -8.94 -3.79
C GLY B 149 8.69 -9.45 -2.90
N ARG B 150 8.34 -9.92 -1.71
CA ARG B 150 9.34 -10.44 -0.78
C ARG B 150 9.94 -11.80 -1.19
N THR B 151 9.42 -12.41 -2.25
CA THR B 151 10.09 -13.54 -2.89
C THR B 151 11.35 -13.08 -3.61
N GLN B 152 11.38 -11.79 -3.94
CA GLN B 152 12.53 -11.19 -4.60
C GLN B 152 12.82 -11.91 -5.90
N ASP B 153 11.78 -12.42 -6.53
CA ASP B 153 11.97 -13.04 -7.82
C ASP B 153 10.97 -12.48 -8.82
N ILE B 154 11.46 -11.76 -9.81
CA ILE B 154 10.55 -11.14 -10.75
C ILE B 154 9.63 -12.10 -11.50
N LYS B 155 10.11 -13.31 -11.84
CA LYS B 155 9.24 -14.25 -12.53
C LYS B 155 8.01 -14.63 -11.69
N THR B 156 8.22 -14.84 -10.40
CA THR B 156 7.14 -15.20 -9.47
C THR B 156 6.11 -14.08 -9.33
N ILE B 157 6.61 -12.85 -9.24
CA ILE B 157 5.76 -11.66 -9.19
C ILE B 157 4.93 -11.60 -10.46
N GLN B 158 5.59 -11.79 -11.60
CA GLN B 158 4.92 -11.84 -12.90
C GLN B 158 3.90 -12.96 -12.96
N ASN B 159 4.31 -14.14 -12.53
CA ASN B 159 3.39 -15.27 -12.50
C ASN B 159 2.18 -15.06 -11.58
N PHE B 160 2.42 -14.55 -10.38
CA PHE B 160 1.34 -14.26 -9.46
C PHE B 160 0.36 -13.29 -10.13
N ARG B 161 0.88 -12.20 -10.69
CA ARG B 161 0.02 -11.17 -11.29
C ARG B 161 -0.79 -11.69 -12.47
N ASN B 162 -0.19 -12.54 -13.29
CA ASN B 162 -0.89 -13.12 -14.44
C ASN B 162 -2.05 -14.01 -14.03
N ASN B 163 -2.12 -14.35 -12.74
CA ASN B 163 -3.19 -15.20 -12.22
C ASN B 163 -4.29 -14.36 -11.57
N ILE B 164 -4.05 -13.06 -11.49
CA ILE B 164 -5.04 -12.15 -10.93
C ILE B 164 -6.14 -11.85 -11.95
N VAL B 165 -7.39 -12.12 -11.56
CA VAL B 165 -8.53 -11.93 -12.46
C VAL B 165 -9.35 -10.69 -12.12
N ALA B 166 -9.15 -10.15 -10.92
CA ALA B 166 -9.93 -9.00 -10.45
C ALA B 166 -9.16 -8.20 -9.42
N PHE B 167 -9.16 -6.88 -9.62
CA PHE B 167 -8.61 -5.93 -8.68
C PHE B 167 -9.78 -5.16 -8.10
N VAL B 168 -10.31 -5.62 -6.97
CA VAL B 168 -11.50 -4.98 -6.39
C VAL B 168 -11.36 -4.80 -4.88
N PRO B 169 -11.88 -3.69 -4.34
CA PRO B 169 -11.72 -3.53 -2.89
C PRO B 169 -12.23 -4.73 -2.10
N ASN B 170 -11.63 -4.94 -0.93
CA ASN B 170 -12.05 -5.98 -0.01
C ASN B 170 -13.55 -5.91 0.22
N SER B 171 -14.24 -7.05 0.18
CA SER B 171 -15.70 -7.01 0.34
C SER B 171 -16.15 -6.43 1.69
N GLY B 172 -15.27 -6.50 2.69
CA GLY B 172 -15.52 -5.83 3.96
C GLY B 172 -16.74 -6.32 4.71
N SER B 173 -17.77 -5.49 4.76
CA SER B 173 -19.00 -5.80 5.51
C SER B 173 -19.99 -6.60 4.67
N ALA B 174 -19.69 -6.72 3.38
CA ALA B 174 -20.48 -7.58 2.50
C ALA B 174 -20.08 -9.02 2.75
N ARG B 175 -21.07 -9.91 2.70
CA ARG B 175 -20.82 -11.33 2.89
C ARG B 175 -20.53 -11.95 1.53
N LYS B 176 -20.98 -11.26 0.49
CA LYS B 176 -20.73 -11.68 -0.89
C LYS B 176 -19.28 -11.39 -1.28
N LEU B 177 -18.71 -12.30 -2.06
CA LEU B 177 -17.31 -12.25 -2.43
C LEU B 177 -17.34 -12.01 -3.91
N PHE B 178 -16.52 -11.06 -4.38
CA PHE B 178 -16.51 -10.75 -5.80
C PHE B 178 -16.09 -11.99 -6.57
N ALA B 179 -16.81 -12.28 -7.65
CA ALA B 179 -16.55 -13.44 -8.50
C ALA B 179 -16.52 -14.74 -7.70
N GLN B 180 -17.46 -14.88 -6.76
CA GLN B 180 -17.40 -15.98 -5.80
C GLN B 180 -17.57 -17.38 -6.40
N ASP B 181 -18.18 -17.48 -7.58
CA ASP B 181 -18.34 -18.77 -8.26
C ASP B 181 -17.29 -19.04 -9.34
N GLN B 182 -16.50 -18.02 -9.68
CA GLN B 182 -15.51 -18.12 -10.74
C GLN B 182 -14.07 -18.19 -10.21
N ALA B 183 -13.75 -17.28 -9.29
CA ALA B 183 -12.41 -17.20 -8.71
C ALA B 183 -12.07 -18.37 -7.78
N ASP B 184 -10.78 -18.68 -7.70
CA ASP B 184 -10.26 -19.76 -6.86
C ASP B 184 -9.78 -19.28 -5.49
N ALA B 185 -9.31 -18.04 -5.43
CA ALA B 185 -8.74 -17.54 -4.18
C ALA B 185 -8.86 -16.03 -4.06
N TRP B 186 -8.86 -15.57 -2.81
CA TRP B 186 -8.94 -14.15 -2.50
C TRP B 186 -7.84 -13.80 -1.52
N ILE B 187 -7.17 -12.67 -1.74
CA ILE B 187 -6.28 -12.13 -0.74
C ILE B 187 -7.12 -11.21 0.15
N THR B 188 -7.20 -11.54 1.43
CA THR B 188 -8.08 -10.79 2.32
C THR B 188 -7.47 -10.77 3.72
N TRP B 189 -8.27 -10.46 4.72
CA TRP B 189 -7.78 -10.37 6.09
C TRP B 189 -8.36 -11.49 6.94
N ILE B 190 -7.57 -11.99 7.89
CA ILE B 190 -8.06 -13.00 8.85
C ILE B 190 -9.41 -12.63 9.48
N ASP B 191 -9.57 -11.39 9.93
CA ASP B 191 -10.82 -11.04 10.57
C ASP B 191 -12.05 -11.24 9.68
N TRP B 192 -11.89 -11.14 8.37
CA TRP B 192 -13.04 -11.37 7.50
C TRP B 192 -13.47 -12.82 7.62
N SER B 193 -12.48 -13.70 7.64
CA SER B 193 -12.73 -15.13 7.73
C SER B 193 -13.38 -15.46 9.07
N LYS B 194 -12.73 -15.01 10.15
CA LYS B 194 -13.27 -15.16 11.51
C LYS B 194 -14.73 -14.73 11.60
N SER B 195 -15.07 -13.60 10.98
CA SER B 195 -16.43 -13.08 10.96
C SER B 195 -17.37 -13.85 10.04
N ASN B 196 -16.79 -14.56 9.06
CA ASN B 196 -17.57 -15.38 8.13
C ASN B 196 -16.94 -16.77 7.95
N PRO B 197 -17.03 -17.61 9.00
CA PRO B 197 -16.50 -18.99 9.05
C PRO B 197 -17.18 -19.81 7.96
N ASP B 198 -18.37 -19.32 7.64
CA ASP B 198 -19.24 -19.73 6.56
C ASP B 198 -18.60 -19.84 5.17
N ILE B 199 -17.95 -18.77 4.75
CA ILE B 199 -17.49 -18.61 3.37
C ILE B 199 -16.00 -18.94 3.23
N GLY B 200 -15.69 -19.87 2.33
CA GLY B 200 -14.31 -20.17 1.96
C GLY B 200 -13.52 -20.88 3.03
N THR B 201 -12.26 -21.18 2.72
CA THR B 201 -11.34 -21.79 3.66
C THR B 201 -10.09 -20.93 3.75
N ALA B 202 -9.71 -20.55 4.97
CA ALA B 202 -8.54 -19.72 5.18
C ALA B 202 -7.27 -20.55 5.04
N VAL B 203 -6.29 -19.98 4.33
CA VAL B 203 -4.98 -20.60 4.17
C VAL B 203 -3.91 -19.60 4.62
N ALA B 204 -3.03 -20.04 5.52
CA ALA B 204 -1.99 -19.17 6.05
C ALA B 204 -0.88 -18.89 5.05
N ILE B 205 -0.62 -17.60 4.83
CA ILE B 205 0.44 -17.13 3.96
C ILE B 205 1.78 -17.34 4.63
N GLU B 206 2.79 -17.71 3.85
CA GLU B 206 4.15 -17.90 4.36
C GLU B 206 4.54 -16.75 5.28
N LYS B 207 5.27 -17.09 6.34
CA LYS B 207 5.60 -16.12 7.36
C LYS B 207 6.62 -15.10 6.88
N ASP B 208 7.48 -15.52 5.96
CA ASP B 208 8.52 -14.63 5.47
C ASP B 208 7.98 -13.70 4.39
N LEU B 209 6.71 -13.88 4.02
CA LEU B 209 6.09 -13.06 2.98
C LEU B 209 4.94 -12.18 3.49
N VAL B 210 4.24 -12.67 4.52
CA VAL B 210 2.98 -12.07 4.97
C VAL B 210 3.16 -10.66 5.54
N VAL B 211 2.14 -9.82 5.34
CA VAL B 211 2.09 -8.50 5.98
C VAL B 211 0.93 -8.42 6.98
N TYR B 212 1.07 -7.49 7.93
CA TYR B 212 0.10 -7.29 9.00
C TYR B 212 -0.29 -5.83 8.98
N ARG B 213 -1.59 -5.53 8.99
CA ARG B 213 -2.05 -4.14 9.03
C ARG B 213 -2.94 -3.87 10.25
N THR B 214 -3.06 -2.60 10.61
CA THR B 214 -3.57 -2.25 11.93
C THR B 214 -5.02 -1.82 11.96
N PHE B 215 -5.62 -1.97 13.14
CA PHE B 215 -6.89 -1.34 13.44
C PHE B 215 -6.54 -0.06 14.17
N ASN B 216 -7.19 1.04 13.80
CA ASN B 216 -6.95 2.32 14.43
C ASN B 216 -8.22 3.13 14.64
N VAL B 217 -8.10 4.19 15.44
CA VAL B 217 -9.19 5.14 15.62
C VAL B 217 -8.64 6.56 15.80
N ILE B 218 -9.50 7.53 15.56
CA ILE B 218 -9.18 8.94 15.76
C ILE B 218 -10.41 9.67 16.29
N ALA B 219 -10.24 10.39 17.39
CA ALA B 219 -11.32 11.18 17.97
C ALA B 219 -11.40 12.56 17.30
N LYS B 220 -12.62 13.05 17.09
CA LYS B 220 -12.80 14.37 16.48
C LYS B 220 -12.17 15.45 17.35
N GLU B 221 -11.91 16.61 16.76
CA GLU B 221 -11.40 17.70 17.56
C GLU B 221 -12.54 18.19 18.44
N GLY B 222 -12.30 18.25 19.75
CA GLY B 222 -13.33 18.61 20.71
C GLY B 222 -13.93 17.40 21.43
N ALA B 223 -13.69 16.22 20.89
CA ALA B 223 -14.21 14.98 21.47
C ALA B 223 -14.71 15.12 22.90
N SER B 224 -16.03 14.98 23.07
CA SER B 224 -16.63 14.94 24.39
C SER B 224 -15.98 13.85 25.26
N LYS B 225 -16.07 14.03 26.58
CA LYS B 225 -15.45 13.11 27.55
C LYS B 225 -16.06 11.71 27.45
N GLU B 226 -17.28 11.64 26.94
CA GLU B 226 -17.98 10.38 26.71
C GLU B 226 -17.24 9.55 25.67
N THR B 227 -16.73 10.24 24.66
CA THR B 227 -15.92 9.66 23.60
C THR B 227 -14.57 9.14 24.08
N GLN B 228 -13.80 10.02 24.70
CA GLN B 228 -12.47 9.68 25.20
C GLN B 228 -12.54 8.42 26.08
N ASP B 229 -13.69 8.20 26.70
CA ASP B 229 -13.87 7.08 27.61
C ASP B 229 -14.07 5.77 26.85
N PHE B 230 -14.79 5.85 25.74
CA PHE B 230 -14.98 4.69 24.90
C PHE B 230 -13.67 4.29 24.23
N ILE B 231 -12.96 5.28 23.69
CA ILE B 231 -11.66 5.00 23.10
C ILE B 231 -10.78 4.19 24.07
N ALA B 232 -10.73 4.61 25.34
CA ALA B 232 -9.95 3.90 26.36
C ALA B 232 -10.50 2.51 26.63
N TYR B 233 -11.82 2.36 26.51
CA TYR B 233 -12.44 1.05 26.69
C TYR B 233 -11.90 0.07 25.65
N LEU B 234 -11.63 0.57 24.45
CA LEU B 234 -11.11 -0.27 23.35
C LEU B 234 -9.77 -0.96 23.68
N SER B 235 -9.08 -0.46 24.71
CA SER B 235 -7.86 -1.09 25.19
C SER B 235 -8.06 -1.84 26.51
N SER B 236 -9.31 -1.87 26.99
CA SER B 236 -9.63 -2.56 28.24
C SER B 236 -9.55 -4.07 28.04
N LYS B 237 -9.64 -4.81 29.15
CA LYS B 237 -9.51 -6.26 29.09
C LYS B 237 -10.66 -6.91 28.31
N GLU B 238 -11.88 -6.36 28.44
CA GLU B 238 -13.04 -6.91 27.72
C GLU B 238 -12.99 -6.68 26.22
N ALA B 239 -12.51 -5.51 25.81
CA ALA B 239 -12.37 -5.20 24.39
C ALA B 239 -11.27 -6.05 23.77
N LYS B 240 -10.15 -6.18 24.48
CA LYS B 240 -9.00 -6.95 24.01
C LYS B 240 -9.33 -8.41 23.67
N GLU B 241 -10.10 -9.06 24.52
CA GLU B 241 -10.51 -10.45 24.27
C GLU B 241 -11.51 -10.57 23.12
N ILE B 242 -12.37 -9.57 22.96
CA ILE B 242 -13.27 -9.58 21.81
C ILE B 242 -12.47 -9.39 20.51
N PHE B 243 -11.65 -8.35 20.45
CA PHE B 243 -10.77 -8.16 19.30
C PHE B 243 -10.00 -9.45 19.00
N LYS B 244 -9.48 -10.10 20.04
CA LYS B 244 -8.68 -11.32 19.88
C LYS B 244 -9.47 -12.48 19.27
N LYS B 245 -10.79 -12.48 19.50
CA LYS B 245 -11.67 -13.52 18.99
C LYS B 245 -11.81 -13.43 17.47
N TYR B 246 -11.64 -12.22 16.94
CA TYR B 246 -11.69 -11.98 15.51
C TYR B 246 -10.30 -11.95 14.85
N GLY B 247 -9.28 -12.39 15.57
CA GLY B 247 -7.94 -12.48 15.02
C GLY B 247 -7.11 -11.21 15.08
N TRP B 248 -7.60 -10.19 15.79
CA TRP B 248 -6.84 -8.96 15.99
C TRP B 248 -5.86 -9.12 17.15
N ARG B 249 -4.59 -8.83 16.88
CA ARG B 249 -3.52 -9.05 17.85
C ARG B 249 -2.89 -7.75 18.37
N GLU B 250 -1.99 -7.91 19.34
CA GLU B 250 -1.19 -6.83 19.91
C GLU B 250 0.27 -7.23 19.90
N HIS B 251 0.52 -8.52 20.05
CA HIS B 251 1.89 -9.02 20.10
C HIS B 251 2.06 -10.40 19.44
#